data_5Q1L
#
_entry.id   5Q1L
#
_cell.length_a   52.360
_cell.length_b   57.450
_cell.length_c   114.860
_cell.angle_alpha   90.000
_cell.angle_beta   90.000
_cell.angle_gamma   90.000
#
_symmetry.space_group_name_H-M   'P 21 21 21'
#
loop_
_entity.id
_entity.type
_entity.pdbx_description
1 polymer 'DNA cross-link repair 1A protein'
2 non-polymer 'MALONATE ION'
3 non-polymer 'NICKEL (II) ION'
4 non-polymer '(6~{R})-6-(4-methoxyphenyl)-2-oxidanylidene-5,6-dihydro-1~{H}-pyrimidine-4-carboxylic acid'
5 water water
#
_entity_poly.entity_id   1
_entity_poly.type   'polypeptide(L)'
_entity_poly.pdbx_seq_one_letter_code
;KKTCPFYKKIPGTGFTVDAFQYGVVEGCTAYFLTHFHSDHYAGLSKHFTFPVYCSEITGNLLKNKLHVQEQYIHPLPLDT
ECIVNGVKVVLLDANHCPGAVMILFYLPNGTVILHTGDFRADPSMERSLLADQKVHMLYLDTTYCSPEYTFPSQQEVIRF
AINTAFEAVTLNPHALVVCGTYSIGKEKVFLAIADVLGSKVGMSQEKYKTLQCLNIPEINSLITTDMCSSLVHLLPMMQI
NFKGLQSHLKKCGGKYNQILAFRPTGWTHSNKFTRIADVIPQTKGNISIYGIPYSEHSSYLEMKRFVQWLKPQKIIPTVN
VGTWKSRSTMEKYFREWKLEAGY
;
_entity_poly.pdbx_strand_id   A
#
loop_
_chem_comp.id
_chem_comp.type
_chem_comp.name
_chem_comp.formula
AWA non-polymer '(6~{R})-6-(4-methoxyphenyl)-2-oxidanylidene-5,6-dihydro-1~{H}-pyrimidine-4-carboxylic acid' 'C12 H12 N2 O4'
MLI non-polymer 'MALONATE ION' 'C3 H2 O4 -2'
NI non-polymer 'NICKEL (II) ION' 'Ni 2'
#
# COMPACT_ATOMS: atom_id res chain seq x y z
N THR A 3 3.63 -3.25 25.23
CA THR A 3 2.28 -3.86 25.40
C THR A 3 1.43 -3.68 24.12
N CYS A 4 0.91 -4.78 23.60
CA CYS A 4 0.09 -4.76 22.38
C CYS A 4 -1.21 -3.98 22.62
N PRO A 5 -1.52 -2.96 21.78
CA PRO A 5 -2.75 -2.19 21.98
C PRO A 5 -4.02 -2.96 21.60
N PHE A 6 -5.17 -2.48 22.11
CA PHE A 6 -6.44 -3.19 21.94
C PHE A 6 -6.92 -3.29 20.48
N TYR A 7 -6.60 -2.29 19.66
CA TYR A 7 -7.02 -2.28 18.27
C TYR A 7 -6.24 -3.24 17.35
N LYS A 8 -5.21 -3.91 17.88
CA LYS A 8 -4.55 -5.02 17.19
C LYS A 8 -4.96 -6.40 17.71
N LYS A 9 -5.98 -6.45 18.58
CA LYS A 9 -6.44 -7.73 19.17
C LYS A 9 -7.86 -8.07 18.71
N ILE A 10 -8.09 -9.33 18.35
CA ILE A 10 -9.41 -9.79 17.90
C ILE A 10 -10.14 -10.54 19.04
N PRO A 11 -11.16 -9.91 19.65
CA PRO A 11 -11.79 -10.51 20.84
C PRO A 11 -12.48 -11.85 20.58
N GLY A 12 -12.33 -12.77 21.54
CA GLY A 12 -12.92 -14.10 21.45
C GLY A 12 -12.12 -15.05 20.59
N THR A 13 -10.84 -14.71 20.37
CA THR A 13 -9.90 -15.57 19.63
C THR A 13 -8.52 -15.44 20.26
N GLY A 14 -7.61 -16.29 19.81
CA GLY A 14 -6.18 -16.11 20.11
C GLY A 14 -5.45 -15.32 19.02
N PHE A 15 -6.14 -14.41 18.33
CA PHE A 15 -5.57 -13.78 17.14
C PHE A 15 -5.15 -12.33 17.40
N THR A 16 -4.01 -11.96 16.82
CA THR A 16 -3.66 -10.55 16.64
C THR A 16 -3.41 -10.25 15.17
N VAL A 17 -3.43 -8.95 14.85
CA VAL A 17 -3.21 -8.45 13.48
C VAL A 17 -2.08 -7.41 13.50
N ASP A 18 -1.03 -7.66 12.71
CA ASP A 18 0.08 -6.73 12.53
C ASP A 18 0.71 -6.31 13.88
N ALA A 19 0.97 -7.31 14.72
CA ALA A 19 1.40 -7.08 16.10
C ALA A 19 2.68 -7.89 16.36
N PHE A 20 3.77 -7.47 15.70
CA PHE A 20 5.04 -8.19 15.72
C PHE A 20 6.16 -7.44 16.47
N GLN A 21 5.89 -6.24 16.99
CA GLN A 21 6.90 -5.46 17.75
C GLN A 21 6.66 -5.45 19.28
N TYR A 22 5.99 -6.49 19.80
CA TYR A 22 5.66 -6.57 21.23
C TYR A 22 6.16 -7.86 21.89
N GLY A 23 7.04 -8.59 21.21
CA GLY A 23 7.47 -9.91 21.68
C GLY A 23 6.31 -10.89 21.72
N VAL A 24 6.41 -11.87 22.62
CA VAL A 24 5.32 -12.83 22.82
C VAL A 24 4.11 -12.13 23.44
N VAL A 25 2.99 -12.10 22.71
CA VAL A 25 1.75 -11.51 23.21
C VAL A 25 1.03 -12.59 24.00
N GLU A 26 0.59 -12.26 25.22
CA GLU A 26 -0.03 -13.24 26.12
C GLU A 26 -1.33 -13.77 25.52
N GLY A 27 -1.36 -15.07 25.23
CA GLY A 27 -2.56 -15.74 24.71
C GLY A 27 -2.69 -15.83 23.19
N CYS A 28 -1.77 -15.21 22.45
CA CYS A 28 -1.85 -15.20 20.99
C CYS A 28 -1.34 -16.51 20.37
N THR A 29 -2.25 -17.25 19.72
CA THR A 29 -1.95 -18.52 19.05
C THR A 29 -1.69 -18.38 17.52
N ALA A 30 -2.10 -17.25 16.93
CA ALA A 30 -1.83 -16.97 15.51
C ALA A 30 -1.67 -15.48 15.27
N TYR A 31 -0.61 -15.12 14.54
CA TYR A 31 -0.27 -13.73 14.24
C TYR A 31 -0.59 -13.51 12.76
N PHE A 32 -1.58 -12.68 12.47
CA PHE A 32 -1.93 -12.38 11.08
C PHE A 32 -1.09 -11.19 10.62
N LEU A 33 -0.65 -11.20 9.37
CA LEU A 33 0.08 -10.09 8.76
C LEU A 33 -0.66 -9.65 7.51
N THR A 34 -1.24 -8.45 7.53
CA THR A 34 -2.04 -7.96 6.40
C THR A 34 -1.22 -7.72 5.11
N HIS A 35 0.00 -7.21 5.27
CA HIS A 35 0.92 -6.94 4.13
C HIS A 35 2.34 -6.60 4.56
N PHE A 36 3.25 -6.65 3.60
CA PHE A 36 4.67 -6.35 3.82
C PHE A 36 4.99 -4.83 3.68
N HIS A 37 4.53 -4.02 4.63
CA HIS A 37 5.05 -2.65 4.84
C HIS A 37 5.66 -2.58 6.27
N SER A 38 6.69 -1.75 6.40
CA SER A 38 7.61 -1.74 7.56
C SER A 38 6.93 -1.62 8.94
N ASP A 39 6.15 -0.57 9.16
CA ASP A 39 5.42 -0.41 10.43
C ASP A 39 4.39 -1.53 10.74
N HIS A 40 4.03 -2.34 9.74
CA HIS A 40 3.14 -3.50 9.95
C HIS A 40 3.86 -4.81 10.28
N TYR A 41 4.99 -5.08 9.61
CA TYR A 41 5.83 -6.26 9.94
C TYR A 41 6.95 -5.99 10.96
N ALA A 42 7.18 -4.73 11.33
CA ALA A 42 8.32 -4.36 12.20
C ALA A 42 8.44 -5.25 13.42
N GLY A 43 9.53 -6.02 13.49
CA GLY A 43 9.74 -6.99 14.57
C GLY A 43 9.89 -8.42 14.10
N LEU A 44 9.32 -8.75 12.95
CA LEU A 44 9.58 -10.06 12.29
C LEU A 44 11.05 -10.17 11.90
N SER A 45 11.59 -11.37 12.03
CA SER A 45 12.97 -11.69 11.62
C SER A 45 13.13 -13.20 11.50
N LYS A 46 14.33 -13.62 11.11
CA LYS A 46 14.67 -15.05 11.02
C LYS A 46 14.54 -15.87 12.32
N HIS A 47 14.52 -15.21 13.48
CA HIS A 47 14.38 -15.88 14.77
C HIS A 47 12.96 -15.77 15.38
N PHE A 48 11.94 -15.62 14.54
CA PHE A 48 10.54 -15.67 14.99
C PHE A 48 10.08 -17.13 14.90
N THR A 49 9.33 -17.58 15.91
CA THR A 49 8.96 -19.00 16.05
C THR A 49 7.45 -19.28 16.24
N PHE A 50 6.60 -18.29 15.94
CA PHE A 50 5.15 -18.44 16.06
C PHE A 50 4.50 -18.47 14.66
N PRO A 51 3.30 -19.08 14.57
CA PRO A 51 2.61 -19.17 13.27
C PRO A 51 2.19 -17.80 12.70
N VAL A 52 2.60 -17.54 11.47
CA VAL A 52 2.18 -16.33 10.73
C VAL A 52 1.21 -16.71 9.64
N TYR A 53 0.06 -16.04 9.58
CA TYR A 53 -0.94 -16.27 8.53
C TYR A 53 -1.03 -15.03 7.65
N CYS A 54 -0.99 -15.23 6.34
CA CYS A 54 -0.87 -14.11 5.37
C CYS A 54 -1.21 -14.60 3.95
N SER A 55 -1.18 -13.70 2.99
CA SER A 55 -1.34 -14.05 1.59
C SER A 55 -0.10 -14.79 1.03
N GLU A 56 -0.26 -15.40 -0.12
CA GLU A 56 0.84 -16.08 -0.81
C GLU A 56 2.02 -15.14 -1.11
N ILE A 57 1.73 -13.95 -1.65
CA ILE A 57 2.77 -12.95 -1.98
C ILE A 57 3.49 -12.47 -0.72
N THR A 58 2.75 -12.16 0.34
CA THR A 58 3.38 -11.78 1.60
C THR A 58 4.29 -12.90 2.10
N GLY A 59 3.84 -14.15 1.97
CA GLY A 59 4.63 -15.33 2.32
C GLY A 59 5.96 -15.40 1.56
N ASN A 60 5.92 -15.15 0.24
CA ASN A 60 7.16 -15.12 -0.58
C ASN A 60 8.16 -14.12 -0.04
N LEU A 61 7.65 -12.94 0.33
CA LEU A 61 8.49 -11.87 0.88
C LEU A 61 9.10 -12.20 2.26
N LEU A 62 8.30 -12.81 3.13
CA LEU A 62 8.80 -13.27 4.45
C LEU A 62 9.95 -14.27 4.28
N LYS A 63 9.75 -15.22 3.39
CA LYS A 63 10.72 -16.27 3.11
C LYS A 63 12.02 -15.71 2.54
N ASN A 64 11.92 -14.83 1.55
CA ASN A 64 13.08 -14.40 0.76
C ASN A 64 13.75 -13.11 1.21
N LYS A 65 12.97 -12.16 1.71
CA LYS A 65 13.53 -10.89 2.16
C LYS A 65 13.93 -10.93 3.62
N LEU A 66 13.08 -11.53 4.46
CA LEU A 66 13.34 -11.59 5.92
C LEU A 66 13.97 -12.92 6.41
N HIS A 67 14.00 -13.94 5.55
N HIS A 67 13.99 -13.94 5.56
CA HIS A 67 14.51 -15.27 5.88
CA HIS A 67 14.54 -15.26 5.90
C HIS A 67 13.79 -15.92 7.06
C HIS A 67 13.79 -15.93 7.06
N VAL A 68 12.45 -15.85 7.04
CA VAL A 68 11.61 -16.51 8.04
C VAL A 68 11.59 -17.97 7.66
N GLN A 69 11.65 -18.87 8.64
CA GLN A 69 11.68 -20.30 8.32
C GLN A 69 10.34 -20.72 7.77
N GLU A 70 10.39 -21.57 6.74
CA GLU A 70 9.19 -22.01 6.03
C GLU A 70 8.14 -22.67 6.92
N GLN A 71 8.58 -23.36 7.98
CA GLN A 71 7.68 -24.00 8.95
C GLN A 71 6.70 -23.04 9.65
N TYR A 72 7.05 -21.75 9.77
CA TYR A 72 6.20 -20.74 10.43
C TYR A 72 5.32 -19.88 9.48
N ILE A 73 5.45 -20.05 8.17
CA ILE A 73 4.69 -19.27 7.18
C ILE A 73 3.47 -20.09 6.73
N HIS A 74 2.26 -19.57 7.00
CA HIS A 74 1.02 -20.22 6.59
C HIS A 74 0.28 -19.35 5.55
N PRO A 75 0.55 -19.55 4.26
CA PRO A 75 -0.15 -18.77 3.22
C PRO A 75 -1.56 -19.29 3.00
N LEU A 76 -2.52 -18.37 2.86
CA LEU A 76 -3.91 -18.71 2.56
C LEU A 76 -4.32 -18.12 1.22
N PRO A 77 -5.14 -18.85 0.45
CA PRO A 77 -5.67 -18.27 -0.79
C PRO A 77 -6.73 -17.23 -0.49
N LEU A 78 -6.92 -16.31 -1.42
CA LEU A 78 -7.96 -15.28 -1.31
C LEU A 78 -9.33 -15.83 -1.65
N ASP A 79 -10.35 -15.16 -1.13
CA ASP A 79 -11.77 -15.37 -1.48
C ASP A 79 -12.24 -16.78 -1.21
N THR A 80 -11.69 -17.37 -0.15
CA THR A 80 -11.87 -18.79 0.15
C THR A 80 -12.06 -18.98 1.64
N GLU A 81 -13.11 -19.70 2.02
CA GLU A 81 -13.38 -19.99 3.43
C GLU A 81 -12.30 -20.95 3.97
N CYS A 82 -11.56 -20.49 4.98
CA CYS A 82 -10.46 -21.26 5.59
C CYS A 82 -10.72 -21.43 7.09
N ILE A 83 -10.16 -22.48 7.70
CA ILE A 83 -10.26 -22.70 9.15
C ILE A 83 -8.87 -22.52 9.77
N VAL A 84 -8.75 -21.64 10.76
CA VAL A 84 -7.50 -21.41 11.50
C VAL A 84 -7.78 -21.55 12.99
N ASN A 85 -7.09 -22.49 13.65
CA ASN A 85 -7.29 -22.77 15.08
C ASN A 85 -8.76 -22.76 15.46
N GLY A 86 -9.55 -23.49 14.68
CA GLY A 86 -10.99 -23.64 14.90
C GLY A 86 -11.91 -22.47 14.60
N VAL A 87 -11.44 -21.48 13.86
CA VAL A 87 -12.20 -20.26 13.54
C VAL A 87 -12.20 -20.07 12.02
N LYS A 88 -13.38 -19.83 11.44
CA LYS A 88 -13.48 -19.60 9.98
C LYS A 88 -12.96 -18.19 9.67
N VAL A 89 -12.08 -18.08 8.68
CA VAL A 89 -11.55 -16.80 8.19
C VAL A 89 -11.58 -16.74 6.64
N VAL A 90 -11.63 -15.51 6.12
CA VAL A 90 -11.51 -15.25 4.69
C VAL A 90 -10.60 -14.05 4.48
N LEU A 91 -9.66 -14.18 3.53
CA LEU A 91 -8.82 -13.06 3.09
C LEU A 91 -9.39 -12.42 1.80
N LEU A 92 -9.51 -11.09 1.79
CA LEU A 92 -10.00 -10.31 0.63
C LEU A 92 -8.90 -9.35 0.15
N ASP A 93 -8.82 -9.11 -1.17
CA ASP A 93 -7.86 -8.12 -1.68
C ASP A 93 -8.21 -6.71 -1.13
N ALA A 94 -7.20 -6.03 -0.60
CA ALA A 94 -7.35 -4.72 0.03
C ALA A 94 -7.17 -3.53 -0.93
N ASN A 95 -6.81 -3.77 -2.20
CA ASN A 95 -6.49 -2.69 -3.15
C ASN A 95 -5.49 -1.69 -2.52
N HIS A 96 -4.42 -2.24 -1.94
CA HIS A 96 -3.36 -1.46 -1.28
C HIS A 96 -2.06 -1.69 -2.04
N CYS A 97 -1.28 -2.69 -1.67
CA CYS A 97 0.00 -3.00 -2.35
C CYS A 97 -0.03 -4.51 -2.68
N PRO A 98 0.96 -5.01 -3.45
CA PRO A 98 0.98 -6.45 -3.74
C PRO A 98 0.91 -7.34 -2.48
N GLY A 99 -0.03 -8.30 -2.48
CA GLY A 99 -0.24 -9.21 -1.35
C GLY A 99 -1.03 -8.71 -0.15
N ALA A 100 -1.48 -7.45 -0.20
CA ALA A 100 -2.21 -6.86 0.92
C ALA A 100 -3.64 -7.39 0.98
N VAL A 101 -4.08 -7.73 2.19
CA VAL A 101 -5.42 -8.27 2.41
C VAL A 101 -6.17 -7.57 3.54
N MET A 102 -7.48 -7.66 3.43
CA MET A 102 -8.43 -7.49 4.53
C MET A 102 -8.80 -8.89 5.06
N ILE A 103 -9.14 -8.98 6.36
CA ILE A 103 -9.46 -10.30 6.98
C ILE A 103 -10.86 -10.27 7.59
N LEU A 104 -11.71 -11.21 7.15
CA LEU A 104 -13.01 -11.48 7.80
C LEU A 104 -12.82 -12.59 8.80
N PHE A 105 -13.25 -12.37 10.05
CA PHE A 105 -13.21 -13.37 11.11
C PHE A 105 -14.66 -13.72 11.48
N TYR A 106 -15.01 -15.01 11.46
CA TYR A 106 -16.34 -15.47 11.87
C TYR A 106 -16.22 -16.06 13.29
N LEU A 107 -16.60 -15.30 14.31
CA LEU A 107 -16.40 -15.71 15.71
C LEU A 107 -17.38 -16.83 16.10
N PRO A 108 -16.96 -17.72 17.03
CA PRO A 108 -17.83 -18.82 17.50
C PRO A 108 -19.22 -18.36 17.99
N ASN A 109 -19.30 -17.19 18.61
CA ASN A 109 -20.58 -16.65 19.10
C ASN A 109 -21.55 -16.08 18.04
N GLY A 110 -21.16 -16.11 16.76
CA GLY A 110 -22.01 -15.65 15.66
C GLY A 110 -21.72 -14.23 15.17
N THR A 111 -20.85 -13.51 15.89
CA THR A 111 -20.34 -12.19 15.48
C THR A 111 -19.36 -12.32 14.32
N VAL A 112 -19.32 -11.29 13.47
CA VAL A 112 -18.44 -11.22 12.30
C VAL A 112 -17.66 -9.91 12.40
N ILE A 113 -16.35 -9.99 12.23
CA ILE A 113 -15.47 -8.84 12.30
C ILE A 113 -14.70 -8.71 10.98
N LEU A 114 -14.64 -7.49 10.44
CA LEU A 114 -13.75 -7.17 9.30
C LEU A 114 -12.61 -6.27 9.75
N HIS A 115 -11.38 -6.73 9.58
CA HIS A 115 -10.19 -5.88 9.75
C HIS A 115 -9.68 -5.48 8.35
N THR A 116 -9.67 -4.19 8.03
CA THR A 116 -9.33 -3.74 6.66
C THR A 116 -7.84 -3.77 6.35
N GLY A 117 -7.00 -3.85 7.38
CA GLY A 117 -5.54 -3.69 7.21
C GLY A 117 -5.38 -2.29 6.65
N ASP A 118 -4.38 -2.07 5.79
CA ASP A 118 -4.35 -0.85 4.96
C ASP A 118 -5.16 -1.14 3.69
N PHE A 119 -6.05 -0.22 3.31
CA PHE A 119 -6.88 -0.39 2.10
C PHE A 119 -7.24 0.91 1.40
N ARG A 120 -7.55 0.79 0.11
CA ARG A 120 -8.20 1.86 -0.63
C ARG A 120 -9.58 1.36 -1.07
N ALA A 121 -10.62 1.81 -0.37
CA ALA A 121 -11.97 1.31 -0.60
C ALA A 121 -12.40 1.53 -2.06
N ASP A 122 -13.13 0.55 -2.61
CA ASP A 122 -13.64 0.61 -3.98
C ASP A 122 -14.99 -0.13 -4.13
N PRO A 123 -15.90 0.36 -5.01
CA PRO A 123 -17.20 -0.35 -5.17
C PRO A 123 -17.10 -1.82 -5.55
N SER A 124 -16.02 -2.24 -6.21
CA SER A 124 -15.82 -3.65 -6.53
C SER A 124 -15.74 -4.58 -5.32
N MET A 125 -15.41 -4.02 -4.13
CA MET A 125 -15.42 -4.77 -2.89
C MET A 125 -16.81 -5.21 -2.47
N GLU A 126 -17.83 -4.49 -2.95
CA GLU A 126 -19.22 -4.86 -2.69
C GLU A 126 -19.62 -6.21 -3.32
N ARG A 127 -18.83 -6.73 -4.26
CA ARG A 127 -19.09 -8.01 -4.94
C ARG A 127 -18.00 -9.04 -4.66
N SER A 128 -17.86 -9.32 -3.37
CA SER A 128 -16.98 -10.36 -2.86
C SER A 128 -17.80 -11.09 -1.81
N LEU A 129 -17.18 -12.00 -1.08
CA LEU A 129 -17.83 -12.65 0.06
C LEU A 129 -18.27 -11.65 1.14
N LEU A 130 -17.78 -10.40 1.09
CA LEU A 130 -18.27 -9.35 1.99
C LEU A 130 -19.77 -9.09 1.92
N ALA A 131 -20.36 -9.22 0.74
CA ALA A 131 -21.81 -8.98 0.59
C ALA A 131 -22.69 -10.06 1.21
N ASP A 132 -22.10 -11.21 1.56
CA ASP A 132 -22.85 -12.40 2.04
C ASP A 132 -23.34 -12.43 3.49
N GLN A 133 -22.86 -11.51 4.34
CA GLN A 133 -23.31 -11.45 5.73
C GLN A 133 -23.10 -10.07 6.39
N LYS A 134 -23.70 -9.95 7.57
CA LYS A 134 -23.64 -8.75 8.40
C LYS A 134 -22.33 -8.67 9.16
N VAL A 135 -21.79 -7.46 9.28
CA VAL A 135 -20.53 -7.20 9.99
C VAL A 135 -20.81 -6.38 11.24
N HIS A 136 -20.36 -6.88 12.37
CA HIS A 136 -20.70 -6.30 13.66
C HIS A 136 -19.61 -5.31 14.14
N MET A 137 -18.32 -5.67 13.95
CA MET A 137 -17.22 -4.73 14.23
C MET A 137 -16.33 -4.55 13.00
N LEU A 138 -15.95 -3.29 12.75
CA LEU A 138 -15.04 -2.91 11.64
C LEU A 138 -13.77 -2.24 12.20
N TYR A 139 -12.60 -2.85 11.96
CA TYR A 139 -11.31 -2.23 12.32
C TYR A 139 -10.83 -1.52 11.04
N LEU A 140 -10.91 -0.19 11.05
CA LEU A 140 -10.86 0.64 9.83
C LEU A 140 -9.57 1.44 9.68
N ASP A 141 -8.93 1.29 8.52
CA ASP A 141 -7.82 2.17 8.09
C ASP A 141 -8.36 3.57 7.88
N THR A 142 -8.08 4.43 8.86
CA THR A 142 -8.57 5.79 8.91
C THR A 142 -7.50 6.82 8.53
N THR A 143 -6.47 6.41 7.76
CA THR A 143 -5.37 7.32 7.40
C THR A 143 -5.82 8.71 6.94
N TYR A 144 -6.75 8.76 5.98
CA TYR A 144 -7.23 10.04 5.43
C TYR A 144 -8.69 10.34 5.79
N CYS A 145 -9.04 10.11 7.05
CA CYS A 145 -10.40 10.37 7.56
C CYS A 145 -10.59 11.85 7.90
N SER A 146 -10.63 12.67 6.85
CA SER A 146 -10.98 14.11 6.94
C SER A 146 -11.36 14.65 5.56
N PRO A 147 -12.43 15.49 5.46
CA PRO A 147 -12.91 15.98 4.16
C PRO A 147 -11.92 16.69 3.24
N GLU A 148 -10.83 17.24 3.79
CA GLU A 148 -9.82 17.88 2.95
C GLU A 148 -9.03 16.90 2.09
N TYR A 149 -9.01 15.62 2.46
CA TYR A 149 -8.31 14.61 1.65
C TYR A 149 -9.16 14.14 0.47
N THR A 150 -8.93 14.81 -0.66
CA THR A 150 -9.37 14.39 -1.95
C THR A 150 -8.08 14.09 -2.72
N PHE A 151 -8.15 13.14 -3.64
CA PHE A 151 -7.10 12.97 -4.65
C PHE A 151 -7.77 12.26 -5.82
N PRO A 152 -7.17 12.29 -7.02
CA PRO A 152 -7.80 11.63 -8.16
C PRO A 152 -7.71 10.11 -8.09
N SER A 153 -8.32 9.44 -9.04
CA SER A 153 -8.18 8.00 -9.16
C SER A 153 -6.74 7.66 -9.55
N GLN A 154 -6.34 6.44 -9.25
CA GLN A 154 -5.00 5.99 -9.62
C GLN A 154 -4.83 6.00 -11.15
N GLN A 155 -5.90 5.70 -11.88
CA GLN A 155 -5.85 5.65 -13.33
C GLN A 155 -5.62 7.05 -13.96
N GLU A 156 -6.25 8.09 -13.44
CA GLU A 156 -5.97 9.49 -13.87
C GLU A 156 -4.51 9.89 -13.57
N VAL A 157 -4.00 9.51 -12.42
CA VAL A 157 -2.63 9.83 -12.04
C VAL A 157 -1.62 9.12 -12.97
N ILE A 158 -1.83 7.85 -13.27
CA ILE A 158 -0.96 7.11 -14.20
C ILE A 158 -1.01 7.72 -15.62
N ARG A 159 -2.21 8.03 -16.09
CA ARG A 159 -2.39 8.74 -17.37
C ARG A 159 -1.49 9.99 -17.46
N PHE A 160 -1.57 10.84 -16.45
CA PHE A 160 -0.72 12.02 -16.34
C PHE A 160 0.77 11.69 -16.41
N ALA A 161 1.21 10.71 -15.62
CA ALA A 161 2.63 10.31 -15.59
C ALA A 161 3.11 9.80 -16.94
N ILE A 162 2.32 8.94 -17.57
CA ILE A 162 2.62 8.35 -18.90
C ILE A 162 2.77 9.43 -19.97
N ASN A 163 1.82 10.34 -20.04
CA ASN A 163 1.84 11.41 -21.05
C ASN A 163 2.99 12.38 -20.84
N THR A 164 3.24 12.75 -19.59
CA THR A 164 4.37 13.57 -19.21
C THR A 164 5.71 12.92 -19.61
N ALA A 165 5.92 11.67 -19.22
CA ALA A 165 7.15 10.96 -19.58
C ALA A 165 7.33 10.78 -21.09
N PHE A 166 6.28 10.35 -21.79
CA PHE A 166 6.35 10.12 -23.24
C PHE A 166 6.72 11.39 -24.00
N GLU A 167 6.05 12.49 -23.65
CA GLU A 167 6.33 13.81 -24.23
C GLU A 167 7.79 14.24 -24.01
N ALA A 168 8.31 14.08 -22.78
CA ALA A 168 9.66 14.51 -22.47
C ALA A 168 10.73 13.72 -23.24
N VAL A 169 10.57 12.40 -23.34
CA VAL A 169 11.56 11.55 -24.02
C VAL A 169 11.42 11.62 -25.56
N THR A 170 10.21 11.88 -26.06
CA THR A 170 10.03 12.10 -27.50
C THR A 170 10.72 13.41 -27.96
N LEU A 171 10.62 14.46 -27.13
CA LEU A 171 11.30 15.74 -27.37
C LEU A 171 12.81 15.64 -27.21
N ASN A 172 13.27 14.90 -26.19
CA ASN A 172 14.70 14.67 -25.92
C ASN A 172 14.99 13.17 -25.65
N PRO A 173 15.41 12.40 -26.68
CA PRO A 173 15.73 10.97 -26.53
C PRO A 173 16.87 10.59 -25.59
N HIS A 174 17.66 11.58 -25.15
CA HIS A 174 18.67 11.40 -24.11
C HIS A 174 18.19 11.83 -22.70
N ALA A 175 16.90 12.03 -22.50
CA ALA A 175 16.36 12.27 -21.16
C ALA A 175 16.21 10.95 -20.39
N LEU A 176 16.34 11.04 -19.07
CA LEU A 176 16.18 9.88 -18.17
C LEU A 176 14.97 10.13 -17.29
N VAL A 177 14.15 9.09 -17.09
CA VAL A 177 13.04 9.17 -16.14
C VAL A 177 13.44 8.45 -14.84
N VAL A 178 13.23 9.11 -13.71
CA VAL A 178 13.49 8.50 -12.40
C VAL A 178 12.19 8.48 -11.58
N CYS A 179 11.93 7.36 -10.90
N CYS A 179 11.92 7.36 -10.89
CA CYS A 179 10.78 7.22 -10.02
CA CYS A 179 10.75 7.26 -10.01
C CYS A 179 11.26 6.88 -8.60
C CYS A 179 11.23 6.88 -8.60
N GLY A 180 10.76 7.63 -7.61
CA GLY A 180 11.05 7.36 -6.20
C GLY A 180 10.19 6.22 -5.67
N THR A 181 10.77 5.38 -4.81
CA THR A 181 10.10 4.17 -4.28
C THR A 181 10.40 3.94 -2.79
N TYR A 182 9.49 3.22 -2.13
CA TYR A 182 9.76 2.58 -0.83
C TYR A 182 9.97 1.08 -1.08
N SER A 183 9.71 0.21 -0.13
CA SER A 183 9.86 -1.23 -0.34
C SER A 183 8.88 -1.88 -1.33
N ILE A 184 7.57 -1.75 -1.11
CA ILE A 184 6.56 -2.17 -2.11
C ILE A 184 5.37 -1.22 -2.10
N GLY A 185 4.58 -1.35 -3.16
CA GLY A 185 3.45 -0.49 -3.43
C GLY A 185 3.80 0.49 -4.53
N LYS A 186 2.80 0.85 -5.33
CA LYS A 186 2.94 1.88 -6.38
C LYS A 186 3.81 1.41 -7.57
N GLU A 187 3.95 0.08 -7.72
CA GLU A 187 4.75 -0.50 -8.82
C GLU A 187 4.18 -0.12 -10.19
N LYS A 188 2.87 0.00 -10.27
CA LYS A 188 2.19 0.44 -11.48
C LYS A 188 2.72 1.79 -12.05
N VAL A 189 3.17 2.71 -11.20
CA VAL A 189 3.75 3.97 -11.68
C VAL A 189 4.93 3.72 -12.61
N PHE A 190 5.94 3.01 -12.14
CA PHE A 190 7.12 2.78 -12.98
C PHE A 190 6.92 1.76 -14.09
N LEU A 191 6.08 0.74 -13.88
CA LEU A 191 5.84 -0.29 -14.90
C LEU A 191 5.03 0.26 -16.10
N ALA A 192 4.06 1.12 -15.82
CA ALA A 192 3.28 1.79 -16.87
C ALA A 192 4.11 2.77 -17.72
N ILE A 193 4.98 3.57 -17.07
CA ILE A 193 5.86 4.49 -17.78
C ILE A 193 6.85 3.74 -18.70
N ALA A 194 7.52 2.73 -18.14
CA ALA A 194 8.49 1.93 -18.91
C ALA A 194 7.82 1.21 -20.09
N ASP A 195 6.60 0.76 -19.89
CA ASP A 195 5.82 0.17 -20.99
C ASP A 195 5.64 1.14 -22.18
N VAL A 196 5.15 2.35 -21.92
CA VAL A 196 4.97 3.36 -22.99
C VAL A 196 6.30 3.79 -23.64
N LEU A 197 7.41 3.72 -22.90
CA LEU A 197 8.73 4.05 -23.45
C LEU A 197 9.47 2.86 -24.11
N GLY A 198 8.86 1.67 -24.12
CA GLY A 198 9.52 0.45 -24.58
C GLY A 198 10.83 0.14 -23.89
N SER A 199 10.89 0.39 -22.58
CA SER A 199 12.14 0.25 -21.81
C SER A 199 11.99 -0.74 -20.68
N LYS A 200 13.14 -1.24 -20.20
CA LYS A 200 13.21 -1.97 -18.93
C LYS A 200 13.43 -0.97 -17.81
N VAL A 201 13.22 -1.42 -16.58
CA VAL A 201 13.37 -0.58 -15.41
C VAL A 201 14.65 -0.94 -14.68
N GLY A 202 15.54 0.05 -14.53
CA GLY A 202 16.80 -0.09 -13.80
C GLY A 202 16.67 0.11 -12.29
N MET A 203 17.32 -0.75 -11.50
CA MET A 203 17.20 -0.69 -10.03
C MET A 203 18.34 -1.39 -9.27
N SER A 204 18.36 -1.19 -7.95
CA SER A 204 19.29 -1.89 -7.07
C SER A 204 19.00 -3.39 -7.03
N GLN A 205 20.01 -4.17 -6.66
CA GLN A 205 19.82 -5.62 -6.44
C GLN A 205 18.73 -5.95 -5.39
N GLU A 206 18.67 -5.21 -4.29
CA GLU A 206 17.67 -5.47 -3.24
C GLU A 206 16.22 -5.22 -3.75
N LYS A 207 16.03 -4.15 -4.52
CA LYS A 207 14.72 -3.87 -5.12
C LYS A 207 14.34 -4.92 -6.17
N TYR A 208 15.32 -5.33 -6.98
CA TYR A 208 15.13 -6.39 -7.98
C TYR A 208 14.60 -7.67 -7.32
N LYS A 209 15.21 -8.05 -6.20
CA LYS A 209 14.84 -9.23 -5.45
C LYS A 209 13.39 -9.12 -4.95
N THR A 210 13.03 -7.95 -4.42
CA THR A 210 11.66 -7.71 -3.97
C THR A 210 10.64 -7.96 -5.10
N LEU A 211 10.90 -7.39 -6.27
CA LEU A 211 9.99 -7.54 -7.41
C LEU A 211 9.82 -8.99 -7.89
N GLN A 212 10.88 -9.80 -7.71
CA GLN A 212 10.80 -11.24 -8.04
C GLN A 212 9.81 -12.02 -7.16
N CYS A 213 9.46 -11.48 -5.99
CA CYS A 213 8.52 -12.11 -5.04
C CYS A 213 7.02 -11.82 -5.28
N LEU A 214 6.67 -11.00 -6.28
CA LEU A 214 5.30 -10.45 -6.39
C LEU A 214 4.33 -11.08 -7.43
N ASN A 215 4.70 -12.21 -8.04
CA ASN A 215 3.85 -12.85 -9.08
C ASN A 215 3.36 -11.91 -10.22
N ILE A 216 4.26 -11.04 -10.69
CA ILE A 216 4.00 -10.17 -11.85
C ILE A 216 4.42 -10.96 -13.11
N PRO A 217 3.51 -11.11 -14.11
CA PRO A 217 3.89 -11.87 -15.32
C PRO A 217 5.06 -11.28 -16.10
N GLU A 218 5.98 -12.15 -16.54
CA GLU A 218 7.14 -11.78 -17.36
C GLU A 218 8.07 -10.74 -16.70
N ILE A 219 8.07 -10.69 -15.36
CA ILE A 219 8.79 -9.64 -14.63
C ILE A 219 10.28 -9.59 -14.94
N ASN A 220 10.92 -10.74 -15.16
CA ASN A 220 12.36 -10.78 -15.38
C ASN A 220 12.80 -10.18 -16.73
N SER A 221 11.86 -10.07 -17.69
CA SER A 221 12.09 -9.31 -18.93
C SER A 221 11.94 -7.77 -18.79
N LEU A 222 11.27 -7.30 -17.73
CA LEU A 222 10.98 -5.86 -17.54
C LEU A 222 11.95 -5.09 -16.62
N ILE A 223 12.84 -5.80 -15.92
CA ILE A 223 13.69 -5.19 -14.89
C ILE A 223 15.16 -5.57 -15.06
N THR A 224 16.05 -4.72 -14.57
CA THR A 224 17.49 -4.96 -14.65
C THR A 224 18.23 -4.17 -13.57
N THR A 225 19.46 -4.55 -13.29
CA THR A 225 20.36 -3.73 -12.47
C THR A 225 21.36 -2.92 -13.31
N ASP A 226 21.27 -3.04 -14.64
CA ASP A 226 22.07 -2.25 -15.56
C ASP A 226 21.49 -0.84 -15.72
N MET A 227 22.09 0.12 -15.02
CA MET A 227 21.70 1.53 -15.10
C MET A 227 22.20 2.28 -16.36
N CYS A 228 22.63 1.58 -17.41
CA CYS A 228 22.96 2.18 -18.72
C CYS A 228 22.13 1.68 -19.91
N SER A 229 21.40 0.56 -19.75
CA SER A 229 20.48 0.04 -20.78
C SER A 229 19.04 0.09 -20.28
N SER A 230 18.64 1.26 -19.78
CA SER A 230 17.32 1.47 -19.20
C SER A 230 17.07 2.97 -19.18
N LEU A 231 15.89 3.42 -19.61
CA LEU A 231 15.56 4.86 -19.55
C LEU A 231 14.56 5.21 -18.43
N VAL A 232 14.21 4.23 -17.60
CA VAL A 232 13.46 4.46 -16.36
C VAL A 232 14.27 3.82 -15.23
N HIS A 233 14.68 4.61 -14.24
CA HIS A 233 15.41 4.10 -13.06
C HIS A 233 14.62 4.32 -11.77
N LEU A 234 14.77 3.40 -10.82
CA LEU A 234 14.20 3.56 -9.47
C LEU A 234 15.27 4.00 -8.46
N LEU A 235 14.92 4.94 -7.59
CA LEU A 235 15.76 5.32 -6.44
C LEU A 235 14.91 5.39 -5.19
N PRO A 236 15.55 5.27 -4.00
CA PRO A 236 14.82 5.51 -2.75
C PRO A 236 14.15 6.87 -2.74
N MET A 237 12.96 6.96 -2.14
CA MET A 237 12.21 8.22 -2.12
C MET A 237 13.03 9.38 -1.55
N MET A 238 13.85 9.08 -0.54
CA MET A 238 14.85 10.00 0.05
C MET A 238 15.74 10.76 -0.91
N GLN A 239 16.10 10.10 -2.00
CA GLN A 239 17.02 10.65 -3.00
C GLN A 239 16.34 11.51 -4.09
N ILE A 240 15.00 11.60 -4.09
CA ILE A 240 14.28 12.41 -5.07
C ILE A 240 14.31 13.88 -4.64
N ASN A 241 15.46 14.50 -4.91
CA ASN A 241 15.69 15.92 -4.70
C ASN A 241 16.86 16.34 -5.60
N PHE A 242 17.07 17.64 -5.77
CA PHE A 242 18.02 18.12 -6.79
C PHE A 242 19.45 17.59 -6.60
N LYS A 243 19.90 17.49 -5.35
CA LYS A 243 21.26 17.02 -5.03
C LYS A 243 21.42 15.52 -5.29
N GLY A 244 20.47 14.72 -4.80
CA GLY A 244 20.46 13.27 -5.06
C GLY A 244 20.40 12.91 -6.54
N LEU A 245 19.60 13.66 -7.29
CA LEU A 245 19.43 13.40 -8.72
C LEU A 245 20.63 13.87 -9.55
N GLN A 246 21.26 14.98 -9.15
CA GLN A 246 22.55 15.42 -9.75
C GLN A 246 23.64 14.37 -9.59
N SER A 247 23.77 13.85 -8.37
CA SER A 247 24.71 12.77 -8.05
C SER A 247 24.43 11.50 -8.87
N HIS A 248 23.15 11.17 -9.04
CA HIS A 248 22.78 10.01 -9.83
C HIS A 248 23.14 10.16 -11.31
N LEU A 249 22.95 11.36 -11.83
CA LEU A 249 23.26 11.66 -13.23
C LEU A 249 24.76 11.55 -13.51
N LYS A 250 25.58 11.89 -12.52
CA LYS A 250 27.03 11.75 -12.62
C LYS A 250 27.47 10.29 -12.81
N LYS A 251 26.81 9.37 -12.11
CA LYS A 251 27.12 7.93 -12.19
C LYS A 251 26.76 7.24 -13.50
N CYS A 252 25.84 7.81 -14.29
CA CYS A 252 25.38 7.16 -15.53
C CYS A 252 26.33 7.31 -16.73
N GLY A 253 27.33 8.16 -16.60
CA GLY A 253 28.48 8.18 -17.54
C GLY A 253 28.23 8.82 -18.89
N GLY A 254 27.61 10.01 -18.89
CA GLY A 254 27.33 10.74 -20.13
C GLY A 254 26.37 10.07 -21.10
N LYS A 255 25.49 9.22 -20.57
CA LYS A 255 24.44 8.60 -21.37
C LYS A 255 23.19 9.51 -21.44
N TYR A 256 23.01 10.36 -20.42
CA TYR A 256 21.80 11.17 -20.28
C TYR A 256 22.14 12.62 -19.92
N ASN A 257 21.36 13.57 -20.44
CA ASN A 257 21.58 15.00 -20.20
C ASN A 257 20.37 15.75 -19.58
N GLN A 258 19.34 15.01 -19.15
CA GLN A 258 18.15 15.59 -18.54
C GLN A 258 17.50 14.54 -17.62
N ILE A 259 16.99 14.95 -16.47
CA ILE A 259 16.16 14.06 -15.58
C ILE A 259 14.76 14.61 -15.41
N LEU A 260 13.78 13.75 -15.68
CA LEU A 260 12.40 13.94 -15.26
C LEU A 260 12.14 12.94 -14.12
N ALA A 261 11.75 13.43 -12.95
CA ALA A 261 11.55 12.60 -11.76
C ALA A 261 10.15 12.70 -11.22
N PHE A 262 9.65 11.58 -10.70
CA PHE A 262 8.34 11.52 -10.05
C PHE A 262 8.51 11.08 -8.60
N ARG A 263 7.81 11.78 -7.70
CA ARG A 263 7.73 11.46 -6.28
C ARG A 263 6.26 11.11 -6.01
N PRO A 264 5.91 9.80 -6.04
CA PRO A 264 4.51 9.40 -5.96
C PRO A 264 3.96 9.28 -4.53
N THR A 265 3.81 10.44 -3.88
CA THR A 265 3.34 10.52 -2.48
C THR A 265 1.87 10.09 -2.32
N GLY A 266 1.40 10.06 -1.07
CA GLY A 266 -0.01 9.80 -0.76
C GLY A 266 -0.87 11.01 -1.09
N TRP A 267 -0.63 12.11 -0.36
CA TRP A 267 -1.45 13.32 -0.46
C TRP A 267 -0.58 14.58 -0.33
N THR A 268 -0.96 15.63 -1.05
CA THR A 268 -0.38 16.96 -0.92
C THR A 268 -1.50 18.01 -1.00
N HIS A 269 -1.61 18.88 0.02
CA HIS A 269 -2.62 19.97 0.10
C HIS A 269 -2.85 20.80 -1.17
N SER A 270 -1.84 20.91 -2.03
CA SER A 270 -2.00 21.48 -3.39
C SER A 270 -3.14 20.87 -4.22
N ASN A 271 -3.57 19.64 -3.88
CA ASN A 271 -4.80 19.02 -4.44
C ASN A 271 -6.08 19.83 -4.21
N LYS A 272 -6.16 20.53 -3.08
CA LYS A 272 -7.36 21.27 -2.65
C LYS A 272 -7.94 22.22 -3.69
N PHE A 273 -7.08 23.04 -4.29
CA PHE A 273 -7.50 24.12 -5.20
C PHE A 273 -6.96 23.96 -6.62
N THR A 274 -6.45 22.76 -6.94
CA THR A 274 -5.74 22.52 -8.21
C THR A 274 -6.03 21.09 -8.72
N ARG A 275 -6.24 20.94 -10.04
CA ARG A 275 -6.53 19.64 -10.67
C ARG A 275 -5.25 18.91 -11.08
N ILE A 276 -5.40 17.63 -11.45
CA ILE A 276 -4.27 16.79 -11.89
C ILE A 276 -3.61 17.30 -13.19
N ALA A 277 -4.41 17.85 -14.10
CA ALA A 277 -3.88 18.47 -15.33
C ALA A 277 -3.03 19.71 -15.04
N ASP A 278 -3.36 20.41 -13.96
CA ASP A 278 -2.66 21.63 -13.54
C ASP A 278 -1.29 21.42 -12.86
N VAL A 279 -0.93 20.18 -12.49
CA VAL A 279 0.28 19.92 -11.68
C VAL A 279 1.54 20.37 -12.44
N ILE A 280 2.38 21.18 -11.78
CA ILE A 280 3.61 21.69 -12.39
C ILE A 280 4.83 21.25 -11.60
N PRO A 281 5.95 21.00 -12.28
CA PRO A 281 7.13 20.53 -11.60
C PRO A 281 7.90 21.62 -10.88
N GLN A 282 8.76 21.20 -9.95
CA GLN A 282 9.87 22.02 -9.48
C GLN A 282 11.09 21.72 -10.36
N THR A 283 11.71 22.78 -10.87
CA THR A 283 12.79 22.67 -11.82
C THR A 283 14.01 23.46 -11.35
N LYS A 284 15.20 22.92 -11.62
CA LYS A 284 16.45 23.60 -11.39
C LYS A 284 17.38 23.08 -12.48
N GLY A 285 17.65 23.91 -13.49
CA GLY A 285 18.50 23.51 -14.60
C GLY A 285 17.86 22.39 -15.41
N ASN A 286 18.60 21.29 -15.59
CA ASN A 286 18.14 20.14 -16.41
C ASN A 286 17.40 19.04 -15.62
N ILE A 287 16.98 19.35 -14.38
CA ILE A 287 16.26 18.41 -13.52
C ILE A 287 14.87 18.97 -13.15
N SER A 288 13.81 18.20 -13.43
CA SER A 288 12.46 18.55 -13.00
C SER A 288 11.90 17.45 -12.11
N ILE A 289 11.13 17.83 -11.08
CA ILE A 289 10.51 16.90 -10.12
C ILE A 289 9.02 17.14 -10.02
N TYR A 290 8.22 16.10 -10.31
CA TYR A 290 6.77 16.13 -10.15
C TYR A 290 6.33 15.33 -8.91
N GLY A 291 5.64 15.98 -7.97
CA GLY A 291 4.98 15.28 -6.86
C GLY A 291 3.60 14.87 -7.33
N ILE A 292 3.32 13.57 -7.41
CA ILE A 292 2.03 13.09 -7.91
C ILE A 292 1.25 12.34 -6.79
N PRO A 293 -0.06 12.61 -6.63
CA PRO A 293 -0.86 12.03 -5.55
C PRO A 293 -1.42 10.63 -5.88
N TYR A 294 -0.49 9.67 -5.96
CA TYR A 294 -0.83 8.28 -6.14
C TYR A 294 -1.03 7.60 -4.77
N SER A 295 -2.28 7.55 -4.31
CA SER A 295 -2.58 7.04 -2.97
C SER A 295 -2.96 5.56 -3.00
N GLU A 296 -2.42 4.79 -2.07
CA GLU A 296 -2.87 3.41 -1.85
C GLU A 296 -3.76 3.30 -0.58
N HIS A 297 -4.27 4.45 -0.10
CA HIS A 297 -5.29 4.53 0.97
C HIS A 297 -6.58 5.23 0.48
N SER A 298 -7.71 4.89 1.10
CA SER A 298 -9.00 5.54 0.79
C SER A 298 -8.95 7.06 0.95
N SER A 299 -9.58 7.77 0.01
CA SER A 299 -9.95 9.19 0.25
C SER A 299 -11.06 9.23 1.30
N TYR A 300 -11.32 10.40 1.86
CA TYR A 300 -12.47 10.59 2.76
C TYR A 300 -13.79 10.04 2.15
N LEU A 301 -14.07 10.41 0.90
CA LEU A 301 -15.34 10.00 0.25
C LEU A 301 -15.45 8.49 -0.03
N GLU A 302 -14.33 7.88 -0.45
CA GLU A 302 -14.26 6.45 -0.62
C GLU A 302 -14.51 5.69 0.70
N MET A 303 -13.87 6.18 1.76
CA MET A 303 -14.01 5.60 3.11
C MET A 303 -15.45 5.74 3.59
N LYS A 304 -16.00 6.95 3.44
CA LYS A 304 -17.41 7.20 3.82
C LYS A 304 -18.41 6.27 3.09
N ARG A 305 -18.26 6.14 1.78
CA ARG A 305 -19.19 5.32 0.98
C ARG A 305 -19.10 3.83 1.39
N PHE A 306 -17.88 3.35 1.58
CA PHE A 306 -17.66 1.96 2.06
C PHE A 306 -18.38 1.68 3.39
N VAL A 307 -18.20 2.55 4.38
CA VAL A 307 -18.81 2.34 5.69
C VAL A 307 -20.33 2.44 5.61
N GLN A 308 -20.85 3.40 4.87
CA GLN A 308 -22.32 3.59 4.72
C GLN A 308 -22.95 2.38 3.98
N TRP A 309 -22.21 1.75 3.07
CA TRP A 309 -22.65 0.46 2.47
C TRP A 309 -22.62 -0.69 3.49
N LEU A 310 -21.49 -0.83 4.21
CA LEU A 310 -21.29 -1.96 5.12
C LEU A 310 -22.23 -1.91 6.35
N LYS A 311 -22.48 -0.70 6.84
CA LYS A 311 -23.32 -0.47 8.03
C LYS A 311 -22.90 -1.30 9.26
N PRO A 312 -21.62 -1.16 9.69
CA PRO A 312 -21.14 -1.84 10.89
C PRO A 312 -21.79 -1.28 12.17
N GLN A 313 -21.90 -2.12 13.20
CA GLN A 313 -22.45 -1.73 14.51
C GLN A 313 -21.46 -0.93 15.34
N LYS A 314 -20.17 -1.25 15.19
CA LYS A 314 -19.10 -0.51 15.85
C LYS A 314 -17.89 -0.35 14.93
N ILE A 315 -17.27 0.83 14.95
CA ILE A 315 -16.06 1.12 14.18
C ILE A 315 -14.90 1.34 15.16
N ILE A 316 -13.80 0.64 14.95
CA ILE A 316 -12.55 0.85 15.68
C ILE A 316 -11.49 1.37 14.70
N PRO A 317 -11.08 2.65 14.82
CA PRO A 317 -10.03 3.17 13.93
C PRO A 317 -8.68 2.60 14.27
N THR A 318 -7.83 2.41 13.26
CA THR A 318 -6.48 1.85 13.46
C THR A 318 -5.34 2.84 13.07
N VAL A 319 -5.69 4.06 12.66
CA VAL A 319 -4.71 5.12 12.30
C VAL A 319 -5.20 6.48 12.84
N ASN A 320 -4.24 7.35 13.16
CA ASN A 320 -4.52 8.64 13.80
C ASN A 320 -5.19 8.48 15.18
N VAL A 321 -4.82 7.43 15.91
CA VAL A 321 -5.44 7.16 17.23
C VAL A 321 -4.68 7.78 18.41
N GLY A 322 -3.59 8.49 18.14
CA GLY A 322 -2.67 8.95 19.19
C GLY A 322 -2.99 10.25 19.92
N THR A 323 -3.88 11.09 19.38
CA THR A 323 -4.28 12.37 20.00
C THR A 323 -5.79 12.44 20.31
N TRP A 324 -6.15 13.20 21.35
CA TRP A 324 -7.57 13.41 21.69
C TRP A 324 -8.32 14.10 20.56
N LYS A 325 -7.69 15.11 19.97
CA LYS A 325 -8.28 15.86 18.87
C LYS A 325 -8.63 14.94 17.69
N SER A 326 -7.67 14.08 17.31
CA SER A 326 -7.82 13.16 16.17
C SER A 326 -8.93 12.17 16.39
N ARG A 327 -8.87 11.51 17.54
CA ARG A 327 -9.92 10.58 17.97
C ARG A 327 -11.30 11.24 17.96
N SER A 328 -11.39 12.45 18.52
CA SER A 328 -12.66 13.17 18.58
C SER A 328 -13.21 13.53 17.20
N THR A 329 -12.32 14.01 16.32
CA THR A 329 -12.65 14.39 14.96
C THR A 329 -13.18 13.19 14.14
N MET A 330 -12.50 12.04 14.23
CA MET A 330 -12.97 10.82 13.56
C MET A 330 -14.36 10.35 14.05
N GLU A 331 -14.56 10.35 15.37
N GLU A 331 -14.58 10.34 15.37
CA GLU A 331 -15.85 10.03 16.00
CA GLU A 331 -15.90 9.96 15.91
C GLU A 331 -17.01 10.88 15.48
C GLU A 331 -17.04 10.87 15.45
N LYS A 332 -16.77 12.17 15.29
CA LYS A 332 -17.76 13.10 14.72
C LYS A 332 -18.17 12.74 13.28
N TYR A 333 -17.18 12.42 12.45
CA TYR A 333 -17.47 11.98 11.08
C TYR A 333 -18.26 10.68 11.08
N PHE A 334 -17.87 9.69 11.88
CA PHE A 334 -18.62 8.41 11.95
C PHE A 334 -20.09 8.64 12.33
N ARG A 335 -20.32 9.55 13.26
CA ARG A 335 -21.69 9.91 13.68
C ARG A 335 -22.48 10.58 12.54
N GLU A 336 -21.88 11.54 11.83
CA GLU A 336 -22.49 12.16 10.64
C GLU A 336 -22.86 11.10 9.59
N TRP A 337 -21.94 10.16 9.35
CA TRP A 337 -22.19 9.11 8.34
C TRP A 337 -23.40 8.24 8.67
N LYS A 338 -23.51 7.87 9.94
CA LYS A 338 -24.60 7.04 10.45
C LYS A 338 -25.93 7.79 10.34
N LEU A 339 -25.97 9.03 10.82
CA LEU A 339 -27.19 9.88 10.74
C LEU A 339 -27.68 10.12 9.31
N GLU A 340 -26.74 10.35 8.40
CA GLU A 340 -27.06 10.59 7.01
C GLU A 340 -27.74 9.37 6.37
N ALA A 341 -27.16 8.19 6.60
CA ALA A 341 -27.59 6.96 5.94
C ALA A 341 -28.74 6.28 6.65
N GLY A 342 -28.93 6.58 7.94
CA GLY A 342 -30.09 6.16 8.71
C GLY A 342 -29.98 4.81 9.40
N TYR A 343 -28.78 4.30 9.62
CA TYR A 343 -28.57 3.01 10.32
C TYR A 343 -28.23 3.19 11.80
C1 MLI B . 1.78 2.91 6.03
C2 MLI B . 1.13 3.21 4.69
C3 MLI B . 2.50 1.62 5.85
O6 MLI B . 1.00 4.41 4.38
O7 MLI B . 0.73 2.28 3.95
O8 MLI B . 3.71 1.70 5.55
O9 MLI B . 1.84 0.57 5.93
NI NI C . 0.63 -0.02 4.09
N1 AWA D . -20.55 17.49 4.72
C4 AWA D . -18.60 17.08 9.33
C5 AWA D . -19.38 17.59 8.31
C6 AWA D . -20.69 17.94 8.61
C7 AWA D . -21.20 17.80 9.88
C8 AWA D . -18.79 17.74 6.92
C10 AWA D . -19.84 16.39 5.11
C1 AWA D . -20.14 17.17 13.30
O1 AWA D . -20.97 17.16 12.14
C2 AWA D . -20.40 17.29 10.90
C3 AWA D . -19.10 16.92 10.62
C9 AWA D . -18.98 16.48 6.12
C11 AWA D . -20.25 18.76 5.15
O2 AWA D . -20.73 19.73 4.58
N2 AWA D . -19.41 18.87 6.19
C12 AWA D . -20.08 15.10 4.35
O3 AWA D . -19.53 14.07 4.81
O4 AWA D . -20.83 15.17 3.35
#